data_2YWY
#
_entry.id   2YWY
#
_cell.length_a   80.498
_cell.length_b   88.661
_cell.length_c   101.754
_cell.angle_alpha   90.00
_cell.angle_beta   90.00
_cell.angle_gamma   90.00
#
_symmetry.space_group_name_H-M   'P 21 21 21'
#
loop_
_entity.id
_entity.type
_entity.pdbx_description
1 polymer 'new antigen receptor variable domain'
2 water water
#
_entity_poly.entity_id   1
_entity_poly.type   'polypeptide(L)'
_entity_poly.pdbx_seq_one_letter_code
;AWVDQTPRSVTKETGESLTINCALKNAADDLERTDWYRTTLGSTNEQKISIGGRYVETVNKGSKSFSLRIRDLRVEDSGT
YKCGAYFSDAMSNYSYPIPGEKGAGTVLTVKAA
;
_entity_poly.pdbx_strand_id   A,B,C,D
#
# COMPACT_ATOMS: atom_id res chain seq x y z
N ALA A 1 11.89 -2.54 0.37
CA ALA A 1 11.77 -3.74 1.26
C ALA A 1 11.19 -4.94 0.54
N TRP A 2 11.02 -6.03 1.28
CA TRP A 2 10.43 -7.27 0.79
C TRP A 2 10.04 -8.20 1.97
N VAL A 3 9.19 -9.17 1.69
CA VAL A 3 8.77 -10.14 2.70
C VAL A 3 9.30 -11.55 2.38
N ASP A 4 9.70 -12.27 3.43
CA ASP A 4 10.11 -13.68 3.36
C ASP A 4 9.02 -14.66 3.84
N GLN A 5 8.27 -15.27 2.93
CA GLN A 5 7.24 -16.22 3.33
C GLN A 5 7.80 -17.63 3.36
N THR A 6 7.29 -18.43 4.29
CA THR A 6 7.71 -19.82 4.49
C THR A 6 6.54 -20.61 5.05
N PRO A 7 6.28 -21.81 4.51
CA PRO A 7 6.90 -22.48 3.36
C PRO A 7 6.35 -22.09 2.00
N ARG A 8 7.10 -22.39 0.94
CA ARG A 8 6.69 -22.02 -0.41
C ARG A 8 5.65 -22.96 -0.98
N SER A 9 5.78 -24.24 -0.65
CA SER A 9 4.70 -25.21 -0.85
C SER A 9 4.75 -26.31 0.20
N VAL A 10 3.59 -26.92 0.42
CA VAL A 10 3.40 -27.82 1.54
C VAL A 10 2.14 -28.62 1.35
N THR A 11 2.22 -29.86 1.79
CA THR A 11 1.13 -30.81 1.70
C THR A 11 0.76 -31.23 3.11
N LYS A 12 -0.54 -31.36 3.36
CA LYS A 12 -1.03 -31.56 4.71
C LYS A 12 -2.31 -32.39 4.70
N GLU A 13 -2.64 -32.98 5.83
CA GLU A 13 -3.76 -33.89 5.88
C GLU A 13 -4.90 -33.29 6.64
N THR A 14 -6.11 -33.72 6.33
CA THR A 14 -7.30 -33.20 6.98
C THR A 14 -7.12 -33.28 8.48
N GLY A 15 -7.49 -32.20 9.14
CA GLY A 15 -7.54 -32.19 10.59
C GLY A 15 -6.22 -31.78 11.18
N GLU A 16 -5.28 -31.41 10.31
CA GLU A 16 -3.97 -30.90 10.73
C GLU A 16 -3.92 -29.36 10.81
N SER A 17 -2.74 -28.83 11.15
CA SER A 17 -2.47 -27.39 11.24
C SER A 17 -1.38 -26.88 10.30
N LEU A 18 -1.60 -25.72 9.72
CA LEU A 18 -0.54 -25.05 9.00
C LEU A 18 -0.09 -23.76 9.72
N THR A 19 1.20 -23.50 9.59
CA THR A 19 1.84 -22.30 10.08
C THR A 19 2.68 -21.78 8.93
N ILE A 20 2.32 -20.60 8.45
CA ILE A 20 3.07 -19.88 7.47
C ILE A 20 3.85 -18.82 8.25
N ASN A 21 5.18 -18.83 8.16
CA ASN A 21 5.97 -17.72 8.73
C ASN A 21 6.20 -16.56 7.74
N CYS A 22 6.26 -15.33 8.22
CA CYS A 22 6.65 -14.20 7.36
C CYS A 22 7.57 -13.20 8.07
N ALA A 23 8.50 -12.62 7.35
CA ALA A 23 9.43 -11.65 7.95
C ALA A 23 9.62 -10.51 6.98
N LEU A 24 9.55 -9.29 7.49
CA LEU A 24 9.68 -8.11 6.64
C LEU A 24 11.16 -7.69 6.63
N LYS A 25 11.78 -7.60 5.46
CA LYS A 25 13.22 -7.35 5.43
C LYS A 25 13.53 -6.02 4.78
N ASN A 26 14.60 -5.38 5.25
CA ASN A 26 15.21 -4.21 4.58
C ASN A 26 14.19 -3.08 4.50
N ALA A 27 13.38 -2.96 5.54
CA ALA A 27 12.42 -1.90 5.70
C ALA A 27 12.87 -0.87 6.76
N ALA A 28 12.90 0.39 6.33
CA ALA A 28 13.33 1.52 7.15
C ALA A 28 12.39 1.84 8.31
N ASP A 29 11.07 1.68 8.12
CA ASP A 29 10.11 2.11 9.14
C ASP A 29 9.41 0.95 9.85
N ASP A 30 8.63 1.24 10.88
CA ASP A 30 8.04 0.17 11.69
C ASP A 30 6.96 -0.61 10.97
N LEU A 31 6.80 -1.88 11.34
CA LEU A 31 5.70 -2.68 10.89
C LEU A 31 4.47 -2.15 11.55
N GLU A 32 3.46 -1.87 10.74
CA GLU A 32 2.27 -1.15 11.16
C GLU A 32 0.95 -1.97 11.00
N ARG A 33 0.85 -2.79 9.96
CA ARG A 33 -0.36 -3.54 9.73
C ARG A 33 0.03 -4.86 9.11
N THR A 34 -0.58 -5.95 9.54
CA THR A 34 -0.42 -7.22 8.80
C THR A 34 -1.73 -7.73 8.20
N ASP A 35 -1.66 -8.34 7.03
CA ASP A 35 -2.84 -8.94 6.40
C ASP A 35 -2.49 -10.34 5.90
N TRP A 36 -3.51 -11.18 5.75
CA TRP A 36 -3.36 -12.51 5.14
C TRP A 36 -4.40 -12.74 4.08
N TYR A 37 -3.96 -13.19 2.92
CA TYR A 37 -4.86 -13.42 1.78
C TYR A 37 -4.78 -14.85 1.36
N ARG A 38 -5.79 -15.28 0.64
CA ARG A 38 -5.96 -16.67 0.26
C ARG A 38 -6.76 -16.70 -1.03
N THR A 39 -6.27 -17.41 -2.03
CA THR A 39 -7.12 -17.75 -3.17
C THR A 39 -7.30 -19.27 -3.25
N THR A 40 -8.52 -19.73 -2.97
CA THR A 40 -8.76 -21.16 -2.94
C THR A 40 -8.70 -21.71 -4.33
N LEU A 41 -8.31 -22.98 -4.43
CA LEU A 41 -8.28 -23.68 -5.71
C LEU A 41 -9.66 -23.59 -6.34
N GLY A 42 -9.68 -23.26 -7.63
CA GLY A 42 -10.92 -22.97 -8.33
C GLY A 42 -11.29 -21.49 -8.32
N SER A 43 -10.80 -20.74 -7.34
CA SER A 43 -11.16 -19.33 -7.22
C SER A 43 -10.27 -18.45 -8.11
N THR A 44 -10.85 -17.41 -8.71
CA THR A 44 -10.12 -16.40 -9.51
C THR A 44 -9.64 -15.16 -8.70
N ASN A 45 -9.91 -15.12 -7.39
CA ASN A 45 -9.70 -13.90 -6.61
C ASN A 45 -9.17 -14.11 -5.21
N GLU A 46 -8.23 -13.25 -4.84
CA GLU A 46 -7.67 -13.15 -3.52
C GLU A 46 -8.68 -12.60 -2.50
N GLN A 47 -9.02 -13.38 -1.49
CA GLN A 47 -9.90 -12.86 -0.44
C GLN A 47 -9.05 -12.66 0.82
N LYS A 48 -9.47 -11.75 1.69
CA LYS A 48 -8.70 -11.49 2.90
C LYS A 48 -9.20 -12.36 4.02
N ILE A 49 -8.25 -12.97 4.74
CA ILE A 49 -8.56 -13.78 5.90
C ILE A 49 -8.87 -12.94 7.12
N SER A 50 -10.04 -13.18 7.70
CA SER A 50 -10.40 -12.49 8.90
C SER A 50 -9.88 -13.27 10.11
N ILE A 51 -8.85 -12.77 10.76
CA ILE A 51 -8.26 -13.38 11.94
C ILE A 51 -9.24 -13.54 13.10
N GLY A 52 -9.11 -14.65 13.82
CA GLY A 52 -10.08 -15.05 14.84
C GLY A 52 -10.50 -16.50 14.58
N GLY A 53 -11.03 -17.15 15.60
CA GLY A 53 -11.55 -18.51 15.44
C GLY A 53 -10.43 -19.44 15.04
N ARG A 54 -10.63 -20.18 13.95
CA ARG A 54 -9.63 -21.12 13.47
C ARG A 54 -8.33 -20.49 12.90
N TYR A 55 -8.30 -19.15 12.77
CA TYR A 55 -7.12 -18.45 12.23
C TYR A 55 -6.49 -17.62 13.32
N VAL A 56 -5.21 -17.83 13.55
CA VAL A 56 -4.54 -17.13 14.64
C VAL A 56 -3.17 -16.55 14.26
N GLU A 57 -3.02 -15.23 14.38
CA GLU A 57 -1.83 -14.55 13.97
C GLU A 57 -0.99 -14.18 15.16
N THR A 58 0.32 -14.23 14.97
CA THR A 58 1.26 -13.95 16.02
C THR A 58 2.22 -12.94 15.42
N VAL A 59 2.32 -11.75 16.04
CA VAL A 59 3.10 -10.69 15.44
C VAL A 59 4.19 -10.27 16.36
N ASN A 60 5.39 -10.06 15.80
CA ASN A 60 6.50 -9.46 16.54
C ASN A 60 6.99 -8.21 15.80
N LYS A 61 6.36 -7.09 16.09
CA LYS A 61 6.67 -5.85 15.36
C LYS A 61 8.15 -5.51 15.56
N GLY A 62 8.66 -5.68 16.79
CA GLY A 62 10.09 -5.49 17.10
C GLY A 62 11.02 -6.12 16.05
N SER A 63 10.85 -7.42 15.78
CA SER A 63 11.69 -8.04 14.76
C SER A 63 11.02 -8.10 13.39
N LYS A 64 9.88 -7.42 13.26
CA LYS A 64 9.15 -7.32 11.98
C LYS A 64 8.84 -8.67 11.35
N SER A 65 8.46 -9.63 12.18
CA SER A 65 8.10 -10.95 11.66
C SER A 65 6.77 -11.34 12.26
N PHE A 66 6.05 -12.23 11.60
CA PHE A 66 4.71 -12.58 12.02
C PHE A 66 4.36 -13.84 11.30
N SER A 67 3.38 -14.58 11.82
CA SER A 67 3.05 -15.89 11.29
C SER A 67 1.55 -16.14 11.36
N LEU A 68 1.02 -16.98 10.49
CA LEU A 68 -0.38 -17.39 10.60
C LEU A 68 -0.51 -18.87 10.89
N ARG A 69 -1.28 -19.25 11.91
CA ARG A 69 -1.63 -20.67 12.15
C ARG A 69 -3.08 -20.95 11.77
N ILE A 70 -3.35 -22.10 11.15
CA ILE A 70 -4.72 -22.44 10.69
C ILE A 70 -5.10 -23.80 11.25
N ARG A 71 -6.07 -23.82 12.17
CA ARG A 71 -6.50 -25.04 12.84
C ARG A 71 -7.51 -25.84 11.99
N ASP A 72 -7.51 -27.17 12.16
CA ASP A 72 -8.43 -28.09 11.48
C ASP A 72 -8.37 -27.95 9.99
N LEU A 73 -7.24 -28.27 9.38
CA LEU A 73 -7.14 -28.09 7.92
C LEU A 73 -8.22 -28.90 7.25
N ARG A 74 -8.47 -28.67 5.97
CA ARG A 74 -9.58 -29.36 5.27
C ARG A 74 -9.52 -29.29 3.75
N VAL A 75 -10.44 -29.98 3.09
CA VAL A 75 -10.54 -30.01 1.63
C VAL A 75 -10.47 -28.59 1.11
N GLU A 76 -11.57 -27.88 1.35
CA GLU A 76 -11.83 -26.57 0.82
C GLU A 76 -10.71 -25.56 1.07
N ASP A 77 -9.77 -25.92 1.96
CA ASP A 77 -8.68 -25.04 2.41
C ASP A 77 -7.46 -24.94 1.48
N SER A 78 -7.46 -25.72 0.39
CA SER A 78 -6.31 -25.71 -0.53
C SER A 78 -6.27 -24.44 -1.37
N GLY A 79 -5.07 -23.87 -1.50
CA GLY A 79 -4.87 -22.70 -2.34
C GLY A 79 -3.60 -21.96 -1.98
N THR A 80 -3.52 -20.71 -2.42
CA THR A 80 -2.32 -19.90 -2.19
C THR A 80 -2.56 -18.82 -1.13
N TYR A 81 -1.74 -18.85 -0.09
CA TYR A 81 -1.80 -17.88 0.98
C TYR A 81 -0.67 -16.88 0.84
N LYS A 82 -0.99 -15.58 0.89
CA LYS A 82 0.03 -14.53 0.90
C LYS A 82 -0.18 -13.57 2.07
N CYS A 83 0.89 -13.32 2.80
CA CYS A 83 0.87 -12.37 3.89
C CYS A 83 1.13 -11.00 3.30
N GLY A 84 0.53 -9.96 3.89
CA GLY A 84 0.81 -8.58 3.53
C GLY A 84 1.31 -7.84 4.73
N ALA A 85 2.42 -7.12 4.56
CA ALA A 85 3.09 -6.36 5.63
C ALA A 85 3.20 -4.89 5.26
N TYR A 86 2.57 -4.00 6.02
CA TYR A 86 2.57 -2.53 5.72
C TYR A 86 3.37 -1.69 6.72
N PHE A 87 4.11 -0.70 6.25
CA PHE A 87 5.04 0.01 7.13
C PHE A 87 5.10 1.52 6.92
N SER A 88 5.23 2.28 8.00
CA SER A 88 5.52 3.72 7.85
C SER A 88 6.05 4.37 9.09
N ASP A 89 6.25 5.70 9.02
CA ASP A 89 6.60 6.49 10.18
C ASP A 89 5.34 6.96 10.94
N ALA A 90 5.33 8.23 11.35
CA ALA A 90 4.15 8.80 11.96
C ALA A 90 3.71 10.04 11.16
N MET A 91 4.69 10.77 10.63
CA MET A 91 4.46 11.90 9.73
C MET A 91 3.46 11.62 8.56
N SER A 92 3.54 10.42 7.98
CA SER A 92 2.68 10.00 6.86
C SER A 92 1.22 9.86 7.29
N ASN A 93 0.32 10.64 6.69
CA ASN A 93 -1.09 10.56 7.07
C ASN A 93 -1.74 9.31 6.51
N TYR A 94 -2.36 8.53 7.39
CA TYR A 94 -2.85 7.19 7.06
C TYR A 94 -4.09 7.13 6.16
N SER A 95 -4.69 8.28 5.86
CA SER A 95 -5.79 8.33 4.88
C SER A 95 -5.29 8.02 3.45
N TYR A 96 -3.98 7.79 3.32
CA TYR A 96 -3.34 7.36 2.07
C TYR A 96 -2.63 6.06 2.32
N PRO A 97 -2.77 5.09 1.40
CA PRO A 97 -2.27 3.76 1.72
C PRO A 97 -0.79 3.81 1.99
N ILE A 98 -0.36 3.02 2.96
CA ILE A 98 1.04 2.98 3.31
C ILE A 98 1.76 1.96 2.44
N PRO A 99 3.08 2.18 2.17
CA PRO A 99 3.92 1.19 1.54
C PRO A 99 3.75 -0.18 2.17
N GLY A 100 3.86 -1.21 1.36
CA GLY A 100 3.77 -2.55 1.86
C GLY A 100 4.35 -3.48 0.84
N GLU A 101 4.57 -4.73 1.28
CA GLU A 101 5.11 -5.78 0.44
C GLU A 101 4.36 -7.02 0.78
N LYS A 102 4.23 -7.91 -0.21
CA LYS A 102 3.55 -9.20 -0.04
C LYS A 102 4.57 -10.33 -0.15
N GLY A 103 4.27 -11.46 0.47
CA GLY A 103 5.10 -12.65 0.35
C GLY A 103 4.94 -13.26 -1.04
N ALA A 104 5.94 -14.06 -1.45
CA ALA A 104 5.83 -14.87 -2.67
C ALA A 104 4.65 -15.85 -2.60
N GLY A 105 4.20 -16.22 -1.39
CA GLY A 105 3.06 -17.09 -1.22
C GLY A 105 3.36 -18.53 -0.78
N THR A 106 2.34 -19.20 -0.25
CA THR A 106 2.42 -20.62 0.13
C THR A 106 1.34 -21.41 -0.61
N VAL A 107 1.73 -22.28 -1.51
CA VAL A 107 0.68 -23.10 -2.12
C VAL A 107 0.46 -24.36 -1.28
N LEU A 108 -0.74 -24.42 -0.70
CA LEU A 108 -1.11 -25.46 0.23
C LEU A 108 -2.01 -26.52 -0.38
N THR A 109 -1.62 -27.78 -0.25
CA THR A 109 -2.46 -28.86 -0.69
C THR A 109 -3.02 -29.60 0.51
N VAL A 110 -4.31 -29.85 0.49
CA VAL A 110 -4.94 -30.70 1.48
C VAL A 110 -5.59 -31.94 0.82
N LYS A 111 -5.26 -33.11 1.34
CA LYS A 111 -5.99 -34.31 1.01
C LYS A 111 -6.72 -34.73 2.28
N ALA A 112 -7.84 -35.41 2.14
CA ALA A 112 -8.46 -36.05 3.30
C ALA A 112 -7.82 -37.44 3.45
N ALA A 113 -8.14 -38.14 4.54
CA ALA A 113 -7.71 -39.55 4.70
C ALA A 113 -8.85 -40.48 5.17
N ALA B 1 -18.58 2.09 18.89
CA ALA B 1 -17.22 1.59 19.15
C ALA B 1 -16.66 2.50 20.22
N TRP B 2 -15.90 1.91 21.14
CA TRP B 2 -15.10 2.61 22.14
C TRP B 2 -14.12 1.60 22.67
N VAL B 3 -13.00 2.09 23.21
CA VAL B 3 -11.96 1.23 23.75
C VAL B 3 -11.98 1.30 25.23
N ASP B 4 -11.87 0.15 25.88
CA ASP B 4 -11.73 0.11 27.33
C ASP B 4 -10.27 -0.08 27.64
N GLN B 5 -9.65 0.91 28.28
CA GLN B 5 -8.22 0.83 28.57
C GLN B 5 -8.03 0.71 30.06
N THR B 6 -7.12 -0.16 30.46
CA THR B 6 -7.04 -0.55 31.84
C THR B 6 -5.56 -0.76 32.23
N PRO B 7 -5.12 -0.28 33.39
CA PRO B 7 -5.89 0.43 34.39
C PRO B 7 -5.80 1.92 34.13
N ARG B 8 -6.65 2.68 34.81
CA ARG B 8 -6.69 4.11 34.64
C ARG B 8 -5.43 4.76 35.16
N SER B 9 -4.96 4.28 36.30
CA SER B 9 -3.76 4.82 36.86
C SER B 9 -3.06 3.70 37.59
N VAL B 10 -1.74 3.77 37.60
CA VAL B 10 -0.91 2.84 38.34
C VAL B 10 0.37 3.56 38.76
N THR B 11 0.86 3.27 39.95
CA THR B 11 2.20 3.65 40.25
C THR B 11 3.07 2.38 40.27
N LYS B 12 4.33 2.53 39.87
CA LYS B 12 5.24 1.38 39.72
C LYS B 12 6.61 1.89 40.11
N GLU B 13 7.50 0.98 40.50
CA GLU B 13 8.84 1.34 40.99
C GLU B 13 9.85 1.21 39.89
N THR B 14 10.94 1.97 40.00
CA THR B 14 12.00 1.94 38.99
C THR B 14 12.42 0.50 38.86
N GLY B 15 12.47 0.01 37.63
CA GLY B 15 12.89 -1.36 37.36
C GLY B 15 11.72 -2.22 36.90
N GLU B 16 10.51 -1.88 37.33
CA GLU B 16 9.40 -2.79 37.18
C GLU B 16 8.76 -2.69 35.81
N SER B 17 7.86 -3.63 35.51
CA SER B 17 7.07 -3.57 34.27
C SER B 17 5.65 -2.99 34.42
N LEU B 18 5.13 -2.42 33.32
CA LEU B 18 3.73 -2.09 33.24
C LEU B 18 3.10 -2.88 32.11
N THR B 19 1.97 -3.53 32.40
CA THR B 19 1.08 -3.95 31.33
C THR B 19 -0.17 -3.08 31.24
N ILE B 20 -0.42 -2.53 30.07
CA ILE B 20 -1.65 -1.83 29.80
C ILE B 20 -2.51 -2.70 28.88
N ASN B 21 -3.75 -2.98 29.30
CA ASN B 21 -4.72 -3.65 28.46
C ASN B 21 -5.75 -2.74 27.78
N CYS B 22 -6.05 -3.06 26.52
CA CYS B 22 -7.17 -2.50 25.79
C CYS B 22 -8.06 -3.56 25.13
N ALA B 23 -9.36 -3.31 25.16
CA ALA B 23 -10.33 -4.05 24.32
C ALA B 23 -11.24 -3.10 23.54
N LEU B 24 -11.20 -3.24 22.22
CA LEU B 24 -12.19 -2.59 21.34
C LEU B 24 -13.57 -3.19 21.59
N LYS B 25 -14.54 -2.35 21.94
CA LYS B 25 -15.86 -2.86 22.29
C LYS B 25 -16.90 -2.27 21.34
N ASN B 26 -18.01 -2.97 21.12
CA ASN B 26 -19.11 -2.46 20.26
C ASN B 26 -18.74 -2.24 18.80
N ALA B 27 -17.80 -3.02 18.29
CA ALA B 27 -17.37 -2.89 16.91
C ALA B 27 -17.45 -4.23 16.18
N ALA B 28 -18.26 -4.30 15.13
CA ALA B 28 -18.35 -5.52 14.32
C ALA B 28 -17.16 -5.66 13.35
N ASP B 29 -16.41 -4.59 13.22
CA ASP B 29 -15.39 -4.45 12.20
C ASP B 29 -14.10 -5.12 12.65
N ASP B 30 -13.26 -5.53 11.72
CA ASP B 30 -12.04 -6.24 12.06
C ASP B 30 -11.00 -5.28 12.63
N LEU B 31 -10.31 -5.64 13.73
CA LEU B 31 -9.16 -4.87 14.20
C LEU B 31 -8.04 -4.98 13.17
N GLU B 32 -7.71 -3.89 12.49
CA GLU B 32 -6.66 -3.89 11.47
C GLU B 32 -5.31 -3.42 11.99
N ARG B 33 -5.27 -2.41 12.87
CA ARG B 33 -4.00 -1.98 13.38
C ARG B 33 -4.12 -1.32 14.73
N THR B 34 -3.03 -1.31 15.48
CA THR B 34 -3.02 -0.87 16.86
C THR B 34 -1.87 0.12 17.10
N ASP B 35 -2.09 1.14 17.93
CA ASP B 35 -1.13 2.21 18.22
C ASP B 35 -1.03 2.43 19.70
N TRP B 36 0.12 3.01 20.08
CA TRP B 36 0.42 3.44 21.44
C TRP B 36 1.09 4.82 21.43
N TYR B 37 0.71 5.65 22.40
CA TYR B 37 1.05 7.07 22.45
C TYR B 37 1.30 7.45 23.88
N ARG B 38 2.27 8.31 24.10
CA ARG B 38 2.62 8.67 25.47
C ARG B 38 3.01 10.15 25.60
N THR B 39 2.62 10.75 26.73
CA THR B 39 3.01 12.12 27.06
C THR B 39 3.63 12.03 28.43
N THR B 40 4.93 12.19 28.48
CA THR B 40 5.65 11.79 29.67
C THR B 40 6.59 12.88 30.08
N LEU B 41 7.26 12.69 31.21
CA LEU B 41 8.20 13.68 31.73
C LEU B 41 9.44 13.72 30.85
N GLY B 42 9.69 12.64 30.14
CA GLY B 42 10.90 12.45 29.34
C GLY B 42 11.01 13.32 28.10
N SER B 43 9.90 13.50 27.38
CA SER B 43 9.86 14.35 26.17
C SER B 43 8.87 15.51 26.25
N THR B 44 9.08 16.50 25.40
CA THR B 44 8.16 17.64 25.27
C THR B 44 6.72 17.29 24.77
N ASN B 45 6.59 16.65 23.60
CA ASN B 45 5.26 16.39 23.05
C ASN B 45 4.78 14.96 23.19
N GLU B 46 3.54 14.72 22.77
CA GLU B 46 3.00 13.38 22.65
C GLU B 46 3.86 12.64 21.64
N GLN B 47 4.24 11.39 21.94
CA GLN B 47 4.93 10.54 20.95
C GLN B 47 4.33 9.13 20.71
N LYS B 48 4.47 8.65 19.48
CA LYS B 48 4.06 7.29 19.16
C LYS B 48 5.16 6.35 19.58
N ILE B 49 4.78 5.42 20.46
CA ILE B 49 5.65 4.37 20.94
C ILE B 49 5.89 3.44 19.81
N SER B 50 7.15 3.19 19.56
CA SER B 50 7.63 2.27 18.54
C SER B 50 7.82 0.87 19.17
N ILE B 51 6.92 -0.06 18.96
CA ILE B 51 7.08 -1.41 19.51
C ILE B 51 8.44 -2.05 19.19
N GLY B 52 9.04 -2.66 20.20
CA GLY B 52 10.42 -3.14 20.09
C GLY B 52 11.08 -3.00 21.43
N GLY B 53 12.25 -3.65 21.61
CA GLY B 53 13.06 -3.53 22.81
C GLY B 53 12.28 -3.61 24.10
N ARG B 54 12.34 -2.54 24.88
CA ARG B 54 11.53 -2.33 26.09
C ARG B 54 10.02 -2.61 25.93
N TYR B 55 9.49 -2.48 24.72
CA TYR B 55 8.06 -2.47 24.52
C TYR B 55 7.63 -3.71 23.77
N VAL B 56 6.73 -4.50 24.39
CA VAL B 56 6.13 -5.65 23.74
C VAL B 56 4.63 -5.54 23.67
N GLU B 57 4.11 -5.70 22.46
CA GLU B 57 2.69 -5.69 22.22
C GLU B 57 2.18 -7.11 21.95
N THR B 58 1.07 -7.46 22.60
CA THR B 58 0.39 -8.67 22.30
C THR B 58 -0.92 -8.24 21.75
N VAL B 59 -1.21 -8.63 20.52
CA VAL B 59 -2.52 -8.36 19.95
C VAL B 59 -3.29 -9.64 19.64
N ASN B 60 -4.55 -9.63 20.05
CA ASN B 60 -5.43 -10.70 19.76
C ASN B 60 -6.56 -10.20 18.86
N LYS B 61 -6.33 -10.21 17.56
CA LYS B 61 -7.31 -9.66 16.59
C LYS B 61 -8.69 -10.30 16.74
N GLY B 62 -8.71 -11.52 17.23
CA GLY B 62 -9.90 -12.35 17.29
C GLY B 62 -10.86 -11.86 18.33
N SER B 63 -10.37 -11.66 19.54
CA SER B 63 -11.22 -11.10 20.60
C SER B 63 -11.12 -9.58 20.65
N LYS B 64 -10.48 -8.99 19.65
CA LYS B 64 -10.25 -7.55 19.57
C LYS B 64 -9.53 -6.91 20.76
N SER B 65 -8.86 -7.70 21.58
CA SER B 65 -8.08 -7.09 22.65
C SER B 65 -6.61 -6.89 22.26
N PHE B 66 -5.87 -6.14 23.05
CA PHE B 66 -4.45 -5.95 22.77
C PHE B 66 -3.80 -5.23 23.93
N SER B 67 -2.61 -5.68 24.29
CA SER B 67 -1.94 -5.12 25.44
C SER B 67 -0.57 -4.63 25.07
N LEU B 68 0.00 -3.81 25.94
CA LEU B 68 1.36 -3.28 25.84
C LEU B 68 2.05 -3.53 27.17
N ARG B 69 3.28 -4.03 27.12
CA ARG B 69 4.07 -4.28 28.31
C ARG B 69 5.34 -3.47 28.19
N ILE B 70 5.62 -2.66 29.19
CA ILE B 70 6.82 -1.79 29.14
C ILE B 70 7.79 -2.24 30.19
N ARG B 71 8.99 -2.63 29.78
CA ARG B 71 9.95 -3.12 30.77
C ARG B 71 10.85 -2.02 31.29
N ASP B 72 11.36 -2.19 32.51
CA ASP B 72 12.50 -1.42 32.97
C ASP B 72 12.12 0.04 33.14
N LEU B 73 11.00 0.30 33.81
CA LEU B 73 10.53 1.67 33.97
C LEU B 73 11.54 2.62 34.61
N ARG B 74 11.43 3.89 34.25
CA ARG B 74 12.29 4.91 34.82
C ARG B 74 11.37 6.04 35.17
N VAL B 75 11.81 6.98 35.99
CA VAL B 75 10.92 8.15 36.27
C VAL B 75 10.47 8.88 35.00
N GLU B 76 11.35 9.00 34.03
CA GLU B 76 11.01 9.62 32.78
C GLU B 76 9.77 9.00 32.11
N ASP B 77 9.46 7.75 32.43
CA ASP B 77 8.37 7.06 31.76
C ASP B 77 6.99 7.43 32.33
N SER B 78 6.97 8.16 33.45
CA SER B 78 5.71 8.66 34.04
C SER B 78 4.95 9.53 33.05
N GLY B 79 3.64 9.34 32.99
CA GLY B 79 2.83 10.15 32.11
C GLY B 79 1.52 9.50 31.69
N THR B 80 0.88 10.09 30.69
CA THR B 80 -0.37 9.56 30.20
C THR B 80 -0.17 8.69 28.95
N TYR B 81 -0.64 7.45 28.98
CA TYR B 81 -0.50 6.53 27.85
C TYR B 81 -1.85 6.21 27.25
N LYS B 82 -1.99 6.39 25.94
CA LYS B 82 -3.25 6.03 25.24
C LYS B 82 -3.09 5.00 24.11
N CYS B 83 -3.90 3.96 24.10
CA CYS B 83 -3.93 3.04 22.97
C CYS B 83 -4.94 3.52 21.93
N GLY B 84 -4.59 3.38 20.64
CA GLY B 84 -5.50 3.67 19.52
C GLY B 84 -5.83 2.44 18.71
N ALA B 85 -7.10 2.17 18.50
CA ALA B 85 -7.53 1.05 17.67
C ALA B 85 -8.15 1.53 16.37
N TYR B 86 -7.83 0.85 15.27
CA TYR B 86 -8.28 1.16 13.91
C TYR B 86 -8.89 -0.09 13.27
N PHE B 87 -10.07 0.07 12.67
CA PHE B 87 -10.84 -1.09 12.21
C PHE B 87 -11.48 -0.87 10.85
N SER B 88 -11.77 -1.97 10.14
CA SER B 88 -12.51 -1.95 8.87
C SER B 88 -13.64 -2.99 8.83
N PRO B 99 -11.88 3.92 9.95
CA PRO B 99 -11.86 4.90 11.04
C PRO B 99 -11.12 4.33 12.24
N GLY B 100 -11.03 5.10 13.33
CA GLY B 100 -10.28 4.68 14.53
C GLY B 100 -10.65 5.35 15.85
N GLU B 101 -10.28 4.71 16.95
CA GLU B 101 -10.83 5.05 18.26
C GLU B 101 -9.79 4.85 19.41
N LYS B 102 -9.65 5.84 20.30
CA LYS B 102 -8.60 5.86 21.34
C LYS B 102 -9.14 5.53 22.74
N GLY B 103 -8.32 4.92 23.58
CA GLY B 103 -8.73 4.61 24.95
C GLY B 103 -8.61 5.82 25.86
N ALA B 104 -9.25 5.79 27.01
CA ALA B 104 -9.15 6.94 27.92
C ALA B 104 -7.74 7.17 28.46
N GLY B 105 -6.97 6.12 28.69
CA GLY B 105 -5.62 6.32 29.12
C GLY B 105 -5.25 5.67 30.44
N THR B 106 -3.95 5.54 30.66
CA THR B 106 -3.41 5.06 31.90
C THR B 106 -2.52 6.19 32.34
N VAL B 107 -2.68 6.65 33.57
CA VAL B 107 -1.76 7.62 34.13
C VAL B 107 -0.70 6.89 34.96
N LEU B 108 0.53 6.90 34.47
CA LEU B 108 1.59 6.09 35.08
C LEU B 108 2.50 6.94 35.89
N THR B 109 2.62 6.61 37.16
CA THR B 109 3.70 7.21 37.91
C THR B 109 4.76 6.17 38.35
N VAL B 110 6.03 6.51 38.14
CA VAL B 110 7.14 5.61 38.49
C VAL B 110 7.90 6.16 39.69
N LYS B 111 7.81 5.51 40.86
CA LYS B 111 8.46 6.03 42.09
C LYS B 111 9.95 5.77 41.94
N ALA B 112 10.80 6.77 42.19
CA ALA B 112 12.24 6.55 42.37
C ALA B 112 12.53 6.46 43.85
N ALA B 113 13.76 6.70 44.26
CA ALA B 113 14.11 6.61 45.70
C ALA B 113 14.99 7.76 46.23
N ALA C 1 11.45 -4.52 -3.18
CA ALA C 1 11.37 -3.45 -4.15
C ALA C 1 11.47 -2.17 -3.37
N TRP C 2 11.88 -1.10 -4.03
CA TRP C 2 12.25 0.14 -3.31
C TRP C 2 12.40 1.19 -4.39
N VAL C 3 12.24 2.48 -4.03
CA VAL C 3 12.21 3.56 -5.01
C VAL C 3 13.50 4.38 -4.94
N ASP C 4 14.18 4.56 -6.06
CA ASP C 4 15.34 5.42 -6.12
C ASP C 4 14.88 6.85 -6.44
N GLN C 5 14.97 7.77 -5.48
CA GLN C 5 14.55 9.16 -5.76
C GLN C 5 15.66 10.18 -5.76
N THR C 6 15.73 10.97 -6.83
CA THR C 6 16.74 12.02 -6.99
C THR C 6 16.03 13.33 -7.33
N PRO C 7 16.57 14.47 -6.86
CA PRO C 7 17.74 14.61 -6.00
C PRO C 7 17.35 14.56 -4.53
N ARG C 8 18.25 14.09 -3.68
CA ARG C 8 17.96 14.08 -2.25
C ARG C 8 17.68 15.51 -1.69
N SER C 9 18.55 16.47 -1.97
CA SER C 9 18.27 17.86 -1.61
C SER C 9 18.68 18.82 -2.72
N VAL C 10 17.97 19.93 -2.80
CA VAL C 10 18.13 20.87 -3.90
C VAL C 10 17.64 22.27 -3.55
N THR C 11 18.43 23.26 -3.93
CA THR C 11 18.06 24.66 -3.78
C THR C 11 17.75 25.26 -5.15
N LYS C 12 16.68 26.07 -5.21
CA LYS C 12 16.25 26.71 -6.45
C LYS C 12 15.77 28.12 -6.19
N GLU C 13 16.00 29.00 -7.15
CA GLU C 13 15.57 30.38 -6.95
C GLU C 13 14.11 30.53 -7.35
N THR C 14 13.42 31.48 -6.74
CA THR C 14 12.00 31.72 -6.98
C THR C 14 11.75 31.78 -8.47
N GLY C 15 10.71 31.10 -8.93
CA GLY C 15 10.32 31.22 -10.33
C GLY C 15 10.97 30.20 -11.24
N GLU C 16 11.97 29.49 -10.74
CA GLU C 16 12.51 28.35 -11.46
C GLU C 16 11.58 27.17 -11.27
N SER C 17 11.94 25.99 -11.77
CA SER C 17 11.10 24.80 -11.61
C SER C 17 11.90 23.54 -11.24
N LEU C 18 11.27 22.62 -10.52
CA LEU C 18 11.93 21.37 -10.12
C LEU C 18 11.41 20.14 -10.87
N THR C 19 12.32 19.27 -11.26
CA THR C 19 11.95 17.95 -11.71
C THR C 19 12.47 16.97 -10.70
N ILE C 20 11.57 16.18 -10.12
CA ILE C 20 11.96 15.04 -9.32
C ILE C 20 11.81 13.78 -10.17
N ASN C 21 12.86 12.96 -10.27
CA ASN C 21 12.79 11.62 -10.87
C ASN C 21 12.88 10.53 -9.84
N CYS C 22 11.90 9.65 -9.86
CA CYS C 22 11.89 8.43 -9.09
C CYS C 22 11.96 7.20 -10.05
N ALA C 23 12.60 6.11 -9.60
CA ALA C 23 12.64 4.91 -10.37
C ALA C 23 12.37 3.74 -9.44
N LEU C 24 11.46 2.85 -9.87
CA LEU C 24 11.07 1.69 -9.08
C LEU C 24 12.05 0.55 -9.36
N LYS C 25 12.79 0.10 -8.35
CA LYS C 25 13.81 -0.89 -8.61
C LYS C 25 13.56 -2.18 -7.84
N ASN C 26 13.95 -3.28 -8.48
CA ASN C 26 13.82 -4.63 -7.93
C ASN C 26 12.37 -5.02 -7.68
N ALA C 27 11.55 -4.67 -8.66
CA ALA C 27 10.17 -5.05 -8.64
C ALA C 27 9.87 -6.11 -9.72
N ALA C 28 9.26 -7.24 -9.33
CA ALA C 28 8.83 -8.25 -10.31
C ALA C 28 7.61 -7.77 -11.10
N ASP C 29 6.78 -6.95 -10.47
CA ASP C 29 5.46 -6.60 -10.99
C ASP C 29 5.45 -5.27 -11.71
N ASP C 30 4.37 -5.01 -12.44
CA ASP C 30 4.27 -3.83 -13.26
C ASP C 30 3.94 -2.57 -12.45
N LEU C 31 4.51 -1.43 -12.86
CA LEU C 31 4.21 -0.15 -12.27
C LEU C 31 2.77 0.11 -12.60
N GLU C 32 1.99 0.43 -11.58
CA GLU C 32 0.56 0.44 -11.73
C GLU C 32 -0.05 1.74 -11.27
N ARG C 33 0.56 2.40 -10.30
CA ARG C 33 0.03 3.63 -9.78
C ARG C 33 1.14 4.52 -9.29
N THR C 34 1.03 5.81 -9.52
CA THR C 34 2.08 6.71 -9.07
C THR C 34 1.46 7.85 -8.34
N ASP C 35 2.01 8.18 -7.19
CA ASP C 35 1.51 9.23 -6.34
C ASP C 35 2.66 10.12 -5.90
N TRP C 36 2.36 11.39 -5.62
CA TRP C 36 3.35 12.33 -5.11
C TRP C 36 2.80 13.00 -3.92
N TYR C 37 3.64 13.11 -2.88
CA TYR C 37 3.24 13.65 -1.59
C TYR C 37 4.22 14.77 -1.22
N ARG C 38 3.76 15.67 -0.34
CA ARG C 38 4.51 16.85 -0.01
C ARG C 38 4.23 17.26 1.41
N THR C 39 5.30 17.67 2.10
CA THR C 39 5.19 18.22 3.42
C THR C 39 5.87 19.60 3.50
N THR C 40 5.01 20.62 3.47
CA THR C 40 5.34 22.06 3.63
C THR C 40 6.25 22.35 4.80
N LEU C 41 7.28 23.18 4.60
CA LEU C 41 8.06 23.72 5.74
C LEU C 41 7.14 24.31 6.82
N GLY C 42 7.30 23.86 8.05
CA GLY C 42 6.41 24.26 9.13
C GLY C 42 5.32 23.23 9.40
N SER C 43 4.78 22.65 8.33
CA SER C 43 3.63 21.76 8.45
C SER C 43 4.04 20.37 8.96
N THR C 44 3.14 19.75 9.71
CA THR C 44 3.37 18.42 10.29
C THR C 44 2.78 17.26 9.45
N ASN C 45 1.75 17.56 8.64
CA ASN C 45 1.03 16.54 7.87
C ASN C 45 1.39 16.53 6.40
N GLU C 46 1.73 15.34 5.88
CA GLU C 46 2.10 15.10 4.47
C GLU C 46 0.87 15.16 3.55
N GLN C 47 0.98 15.85 2.41
CA GLN C 47 -0.19 16.24 1.58
C GLN C 47 -0.11 15.57 0.22
N LYS C 48 -1.22 15.08 -0.29
CA LYS C 48 -1.14 14.41 -1.58
C LYS C 48 -1.17 15.46 -2.63
N ILE C 49 -0.11 15.50 -3.43
CA ILE C 49 -0.04 16.32 -4.62
C ILE C 49 -1.01 15.82 -5.69
N SER C 50 -1.78 16.75 -6.24
CA SER C 50 -2.90 16.40 -7.06
C SER C 50 -2.60 16.95 -8.44
N ILE C 51 -2.17 16.08 -9.37
CA ILE C 51 -1.54 16.42 -10.69
C ILE C 51 -2.46 17.16 -11.64
N GLY C 52 -1.87 18.07 -12.43
CA GLY C 52 -2.60 19.06 -13.24
C GLY C 52 -2.01 20.42 -12.97
N GLY C 53 -2.23 21.40 -13.85
CA GLY C 53 -1.75 22.76 -13.62
C GLY C 53 -0.24 22.94 -13.52
N ARG C 54 0.26 23.41 -12.35
CA ARG C 54 1.70 23.58 -12.15
C ARG C 54 2.48 22.29 -11.83
N TYR C 55 1.78 21.18 -11.69
CA TYR C 55 2.46 19.90 -11.51
C TYR C 55 2.21 19.01 -12.71
N VAL C 56 3.26 18.68 -13.45
CA VAL C 56 3.11 17.75 -14.57
C VAL C 56 3.88 16.44 -14.37
N GLU C 57 3.20 15.33 -14.59
CA GLU C 57 3.79 14.05 -14.25
C GLU C 57 4.11 13.30 -15.51
N THR C 58 5.22 12.57 -15.52
CA THR C 58 5.57 11.80 -16.69
C THR C 58 5.94 10.41 -16.30
N VAL C 59 5.19 9.43 -16.82
CA VAL C 59 5.41 8.06 -16.40
C VAL C 59 5.89 7.19 -17.53
N ASN C 60 6.87 6.33 -17.21
CA ASN C 60 7.31 5.27 -18.11
C ASN C 60 7.16 3.91 -17.43
N LYS C 61 5.97 3.32 -17.59
CA LYS C 61 5.65 2.03 -16.99
C LYS C 61 6.66 0.97 -17.45
N GLY C 62 6.99 0.97 -18.73
CA GLY C 62 7.98 0.04 -19.28
C GLY C 62 9.27 -0.03 -18.49
N SER C 63 9.89 1.12 -18.26
CA SER C 63 11.14 1.19 -17.51
C SER C 63 10.94 1.49 -16.01
N LYS C 64 9.69 1.39 -15.54
CA LYS C 64 9.29 1.60 -14.12
C LYS C 64 9.75 2.90 -13.51
N SER C 65 9.81 3.93 -14.34
CA SER C 65 10.31 5.21 -13.93
C SER C 65 9.28 6.30 -14.19
N PHE C 66 9.36 7.35 -13.40
CA PHE C 66 8.43 8.43 -13.53
C PHE C 66 8.98 9.65 -12.83
N SER C 67 8.46 10.81 -13.21
CA SER C 67 8.97 12.09 -12.68
C SER C 67 7.88 13.11 -12.44
N LEU C 68 8.13 14.05 -11.54
CA LEU C 68 7.22 15.16 -11.34
C LEU C 68 7.90 16.47 -11.66
N ARG C 69 7.27 17.30 -12.48
CA ARG C 69 7.82 18.62 -12.73
C ARG C 69 6.93 19.64 -12.04
N ILE C 70 7.54 20.54 -11.24
CA ILE C 70 6.77 21.60 -10.57
C ILE C 70 7.17 22.94 -11.12
N ARG C 71 6.24 23.65 -11.73
CA ARG C 71 6.50 24.96 -12.34
C ARG C 71 6.26 26.18 -11.37
N ASP C 72 6.92 27.32 -11.64
CA ASP C 72 6.74 28.60 -10.89
C ASP C 72 6.90 28.50 -9.35
N LEU C 73 8.06 27.99 -8.92
CA LEU C 73 8.34 27.74 -7.53
C LEU C 73 8.37 29.01 -6.73
N ARG C 74 7.59 29.04 -5.65
CA ARG C 74 7.64 30.12 -4.68
C ARG C 74 8.28 29.53 -3.42
N VAL C 75 8.67 30.40 -2.48
CA VAL C 75 9.34 29.99 -1.22
C VAL C 75 8.41 29.11 -0.40
N GLU C 76 7.11 29.37 -0.48
CA GLU C 76 6.12 28.58 0.22
C GLU C 76 6.15 27.07 -0.14
N ASP C 77 6.67 26.75 -1.33
CA ASP C 77 6.76 25.38 -1.80
C ASP C 77 7.92 24.61 -1.25
N SER C 78 8.76 25.26 -0.42
CA SER C 78 9.84 24.54 0.25
C SER C 78 9.28 23.45 1.15
N GLY C 79 9.94 22.31 1.15
CA GLY C 79 9.55 21.22 2.01
C GLY C 79 10.11 19.95 1.46
N THR C 80 9.61 18.83 1.96
CA THR C 80 10.10 17.54 1.52
C THR C 80 9.04 16.89 0.68
N TYR C 81 9.45 16.43 -0.50
CA TYR C 81 8.59 15.72 -1.50
C TYR C 81 8.94 14.25 -1.60
N LYS C 82 7.90 13.41 -1.68
CA LYS C 82 8.08 11.95 -1.75
C LYS C 82 7.15 11.37 -2.81
N CYS C 83 7.61 10.32 -3.46
CA CYS C 83 6.81 9.66 -4.43
C CYS C 83 6.52 8.23 -3.95
N GLY C 84 5.43 7.67 -4.46
CA GLY C 84 5.04 6.32 -4.14
C GLY C 84 4.69 5.59 -5.40
N ALA C 85 5.32 4.45 -5.61
CA ALA C 85 5.05 3.62 -6.77
C ALA C 85 4.35 2.38 -6.25
N TYR C 86 3.16 2.09 -6.76
CA TYR C 86 2.41 0.89 -6.37
C TYR C 86 2.37 -0.04 -7.58
N PHE C 87 2.51 -1.34 -7.33
CA PHE C 87 2.64 -2.34 -8.41
C PHE C 87 1.84 -3.58 -8.10
N SER C 88 1.23 -4.19 -9.10
CA SER C 88 0.43 -5.36 -8.81
C SER C 88 0.71 -6.58 -9.68
N ASP C 89 0.28 -7.73 -9.18
CA ASP C 89 0.35 -9.01 -9.91
C ASP C 89 -0.44 -8.90 -11.24
N ALA C 90 -1.67 -9.37 -11.25
CA ALA C 90 -2.54 -9.16 -12.40
C ALA C 90 -3.88 -9.75 -12.00
N MET C 91 -3.88 -11.05 -11.71
CA MET C 91 -4.81 -11.61 -10.75
C MET C 91 -4.31 -11.13 -9.39
N SER C 92 -5.19 -10.42 -8.69
CA SER C 92 -4.94 -9.82 -7.37
C SER C 92 -6.06 -8.83 -7.14
N ASN C 93 -6.65 -8.87 -5.96
CA ASN C 93 -7.80 -8.03 -5.64
C ASN C 93 -7.44 -6.56 -5.58
N TYR C 94 -8.14 -5.75 -6.37
CA TYR C 94 -7.92 -4.29 -6.40
C TYR C 94 -8.91 -3.56 -5.48
N SER C 95 -9.50 -4.33 -4.57
CA SER C 95 -10.29 -3.80 -3.47
C SER C 95 -9.42 -3.76 -2.20
N TYR C 96 -8.46 -4.66 -2.12
CA TYR C 96 -7.46 -4.63 -1.06
C TYR C 96 -6.18 -3.99 -1.60
N PRO C 97 -5.61 -3.04 -0.83
CA PRO C 97 -4.51 -2.20 -1.30
C PRO C 97 -3.27 -2.99 -1.69
N ILE C 98 -2.80 -2.73 -2.89
CA ILE C 98 -1.63 -3.39 -3.46
C ILE C 98 -0.34 -2.94 -2.79
N PRO C 99 0.73 -3.76 -2.89
CA PRO C 99 2.06 -3.33 -2.48
C PRO C 99 2.51 -2.00 -3.12
N GLY C 100 3.47 -1.33 -2.51
CA GLY C 100 4.13 -0.17 -3.09
C GLY C 100 5.24 0.34 -2.19
N GLU C 101 5.98 1.35 -2.65
CA GLU C 101 7.10 1.90 -1.90
C GLU C 101 7.17 3.43 -2.11
N LYS C 102 7.88 4.12 -1.23
CA LYS C 102 8.09 5.56 -1.37
C LYS C 102 9.58 5.83 -1.58
N GLY C 103 9.92 6.93 -2.22
CA GLY C 103 11.29 7.40 -2.23
C GLY C 103 11.71 7.91 -0.87
N ALA C 104 13.03 7.99 -0.66
CA ALA C 104 13.61 8.58 0.54
C ALA C 104 13.24 10.06 0.70
N GLY C 105 13.07 10.76 -0.44
CA GLY C 105 12.46 12.09 -0.49
C GLY C 105 13.32 13.16 -1.12
N THR C 106 12.71 14.22 -1.62
CA THR C 106 13.47 15.41 -1.97
C THR C 106 13.20 16.58 -1.01
N VAL C 107 14.25 17.09 -0.38
CA VAL C 107 14.10 18.31 0.41
C VAL C 107 14.43 19.59 -0.40
N LEU C 108 13.37 20.35 -0.67
CA LEU C 108 13.43 21.49 -1.56
C LEU C 108 13.52 22.80 -0.76
N THR C 109 14.66 23.48 -0.90
CA THR C 109 14.74 24.85 -0.42
C THR C 109 14.64 25.82 -1.59
N VAL C 110 13.64 26.69 -1.58
CA VAL C 110 13.58 27.71 -2.60
C VAL C 110 13.77 29.09 -2.01
N LYS C 111 14.84 29.76 -2.43
CA LYS C 111 15.12 31.12 -1.96
C LYS C 111 14.30 32.21 -2.69
N ALA C 112 14.37 33.45 -2.20
CA ALA C 112 13.73 34.59 -2.85
C ALA C 112 14.56 35.09 -4.04
N ALA C 113 14.01 36.03 -4.82
CA ALA C 113 14.85 36.79 -5.76
C ALA C 113 14.35 38.23 -5.94
N ALA D 1 -20.07 9.39 -14.34
CA ALA D 1 -18.66 9.27 -14.79
C ALA D 1 -18.59 8.06 -15.66
N TRP D 2 -18.06 8.24 -16.88
CA TRP D 2 -17.98 7.21 -17.91
C TRP D 2 -16.78 7.52 -18.77
N VAL D 3 -16.25 6.52 -19.43
CA VAL D 3 -15.04 6.71 -20.20
C VAL D 3 -15.39 6.74 -21.69
N ASP D 4 -15.10 7.88 -22.32
CA ASP D 4 -15.21 8.03 -23.76
C ASP D 4 -13.98 7.45 -24.43
N GLN D 5 -14.14 6.39 -25.21
CA GLN D 5 -13.01 5.74 -25.88
C GLN D 5 -13.22 5.83 -27.40
N THR D 6 -12.17 6.22 -28.11
CA THR D 6 -12.20 6.27 -29.58
C THR D 6 -10.88 5.73 -30.13
N PRO D 7 -10.90 5.14 -31.34
CA PRO D 7 -12.10 4.95 -32.14
C PRO D 7 -12.86 3.69 -31.75
N ARG D 8 -14.13 3.67 -32.10
CA ARG D 8 -15.01 2.56 -31.84
C ARG D 8 -14.53 1.38 -32.66
N SER D 9 -14.17 1.64 -33.91
CA SER D 9 -13.59 0.63 -34.81
C SER D 9 -12.60 1.26 -35.76
N VAL D 10 -11.62 0.48 -36.18
CA VAL D 10 -10.58 0.96 -37.08
C VAL D 10 -9.94 -0.22 -37.82
N THR D 11 -9.52 0.01 -39.06
CA THR D 11 -8.81 -1.04 -39.79
C THR D 11 -7.41 -0.58 -40.15
N LYS D 12 -6.41 -1.35 -39.73
CA LYS D 12 -4.99 -1.03 -39.94
C LYS D 12 -4.31 -2.06 -40.84
N GLU D 13 -3.13 -1.74 -41.35
CA GLU D 13 -2.31 -2.71 -42.09
C GLU D 13 -1.14 -3.22 -41.21
N THR D 14 -0.72 -4.46 -41.43
CA THR D 14 0.50 -5.00 -40.81
C THR D 14 1.61 -3.95 -40.85
N GLY D 15 2.34 -3.81 -39.75
CA GLY D 15 3.47 -2.90 -39.67
C GLY D 15 3.11 -1.49 -39.21
N GLU D 16 1.83 -1.17 -39.22
CA GLU D 16 1.36 0.16 -38.85
C GLU D 16 1.08 0.20 -37.36
N SER D 17 0.77 1.37 -36.85
CA SER D 17 0.49 1.51 -35.44
C SER D 17 -0.92 2.07 -35.14
N LEU D 18 -1.44 1.74 -33.97
CA LEU D 18 -2.77 2.15 -33.56
C LEU D 18 -2.65 3.02 -32.33
N THR D 19 -3.41 4.11 -32.29
CA THR D 19 -3.60 4.88 -31.07
C THR D 19 -5.10 4.83 -30.66
N ILE D 20 -5.35 4.36 -29.44
CA ILE D 20 -6.68 4.45 -28.81
C ILE D 20 -6.64 5.55 -27.73
N ASN D 21 -7.49 6.55 -27.88
CA ASN D 21 -7.64 7.58 -26.87
C ASN D 21 -8.79 7.27 -25.93
N CYS D 22 -8.55 7.39 -24.63
CA CYS D 22 -9.59 7.38 -23.64
C CYS D 22 -9.65 8.69 -22.84
N ALA D 23 -10.85 9.10 -22.46
CA ALA D 23 -11.03 10.28 -21.63
C ALA D 23 -12.06 9.99 -20.56
N LEU D 24 -11.72 10.34 -19.32
CA LEU D 24 -12.63 10.17 -18.23
C LEU D 24 -13.53 11.41 -18.14
N LYS D 25 -14.83 11.18 -18.28
CA LYS D 25 -15.82 12.24 -18.43
C LYS D 25 -16.73 12.31 -17.21
N ASN D 26 -17.24 13.52 -16.90
CA ASN D 26 -18.13 13.80 -15.75
C ASN D 26 -17.61 13.21 -14.44
N ALA D 27 -16.31 13.34 -14.27
CA ALA D 27 -15.59 12.82 -13.12
C ALA D 27 -14.97 13.97 -12.33
N ALA D 28 -15.58 14.34 -11.22
CA ALA D 28 -15.02 15.38 -10.36
C ALA D 28 -14.10 14.75 -9.31
N ASP D 29 -13.11 14.00 -9.77
CA ASP D 29 -12.21 13.24 -8.89
C ASP D 29 -11.02 12.70 -9.69
N ASP D 30 -9.96 12.29 -9.01
CA ASP D 30 -8.66 12.15 -9.66
C ASP D 30 -8.38 10.83 -10.33
N LEU D 31 -8.05 10.87 -11.61
CA LEU D 31 -7.48 9.73 -12.28
C LEU D 31 -6.28 9.20 -11.50
N GLU D 32 -6.37 7.97 -11.02
CA GLU D 32 -5.29 7.34 -10.23
C GLU D 32 -4.57 6.20 -10.93
N ARG D 33 -5.31 5.40 -11.68
CA ARG D 33 -4.77 4.23 -12.35
C ARG D 33 -5.53 4.02 -13.67
N THR D 34 -4.81 3.55 -14.70
CA THR D 34 -5.34 3.28 -16.03
C THR D 34 -4.83 1.93 -16.55
N ASP D 35 -5.75 1.07 -16.99
CA ASP D 35 -5.43 -0.28 -17.49
C ASP D 35 -5.96 -0.53 -18.88
N TRP D 36 -5.41 -1.55 -19.55
CA TRP D 36 -5.74 -1.83 -20.95
C TRP D 36 -5.89 -3.33 -21.12
N TYR D 37 -6.97 -3.74 -21.78
CA TYR D 37 -7.27 -5.15 -22.00
C TYR D 37 -7.67 -5.42 -23.42
N ARG D 38 -7.26 -6.56 -23.94
CA ARG D 38 -7.56 -6.94 -25.32
C ARG D 38 -8.06 -8.37 -25.24
N THR D 39 -9.08 -8.69 -26.03
CA THR D 39 -9.40 -10.07 -26.42
C THR D 39 -9.17 -10.16 -27.92
N THR D 40 -8.27 -11.05 -28.32
CA THR D 40 -7.71 -11.03 -29.66
C THR D 40 -7.68 -12.42 -30.25
N LEU D 41 -7.34 -12.50 -31.53
CA LEU D 41 -7.18 -13.77 -32.21
C LEU D 41 -6.08 -14.56 -31.49
N GLY D 42 -5.11 -13.83 -30.96
CA GLY D 42 -3.94 -14.39 -30.27
C GLY D 42 -4.17 -15.17 -28.98
N SER D 43 -4.77 -14.53 -27.97
CA SER D 43 -5.14 -15.14 -26.67
C SER D 43 -6.41 -15.94 -26.84
N THR D 44 -6.59 -16.95 -25.99
CA THR D 44 -7.91 -17.58 -25.86
C THR D 44 -8.80 -16.63 -25.05
N ASN D 45 -8.36 -16.33 -23.83
CA ASN D 45 -9.12 -15.48 -22.92
C ASN D 45 -8.62 -14.04 -22.90
N GLU D 46 -9.32 -13.18 -22.16
CA GLU D 46 -8.97 -11.76 -22.06
C GLU D 46 -7.62 -11.61 -21.38
N GLN D 47 -6.93 -10.49 -21.62
CA GLN D 47 -5.63 -10.22 -20.97
C GLN D 47 -5.25 -8.76 -20.78
N LYS D 48 -4.61 -8.48 -19.66
CA LYS D 48 -4.11 -7.16 -19.35
C LYS D 48 -2.90 -6.88 -20.21
N ILE D 49 -2.93 -5.78 -20.92
CA ILE D 49 -1.78 -5.34 -21.68
C ILE D 49 -0.77 -4.79 -20.72
N SER D 50 0.45 -5.24 -20.84
CA SER D 50 1.51 -4.86 -19.97
C SER D 50 2.32 -3.80 -20.72
N ILE D 51 2.27 -2.55 -20.25
CA ILE D 51 2.96 -1.44 -20.92
C ILE D 51 4.47 -1.61 -21.00
N GLY D 52 5.04 -1.19 -22.11
CA GLY D 52 6.42 -1.54 -22.45
C GLY D 52 6.57 -1.90 -23.91
N GLY D 53 7.78 -1.74 -24.43
CA GLY D 53 8.13 -2.14 -25.79
C GLY D 53 7.23 -1.53 -26.85
N ARG D 54 6.38 -2.35 -27.45
CA ARG D 54 5.54 -1.86 -28.51
C ARG D 54 4.19 -1.32 -27.99
N TYR D 55 4.03 -1.31 -26.66
CA TYR D 55 2.84 -0.70 -26.10
C TYR D 55 3.26 0.50 -25.28
N VAL D 56 2.92 1.69 -25.76
CA VAL D 56 3.34 2.89 -25.04
C VAL D 56 2.13 3.73 -24.62
N GLU D 57 2.09 4.04 -23.31
CA GLU D 57 0.99 4.75 -22.66
C GLU D 57 1.30 6.22 -22.34
N THR D 58 0.36 7.08 -22.71
CA THR D 58 0.43 8.48 -22.37
C THR D 58 -0.74 8.81 -21.45
N VAL D 59 -0.43 9.20 -20.23
CA VAL D 59 -1.45 9.61 -19.30
C VAL D 59 -1.29 11.10 -19.03
N ASN D 60 -2.43 11.80 -19.10
CA ASN D 60 -2.51 13.21 -18.72
C ASN D 60 -3.53 13.33 -17.61
N LYS D 61 -3.09 13.16 -16.37
CA LYS D 61 -3.99 13.15 -15.21
C LYS D 61 -4.78 14.45 -15.00
N GLY D 62 -4.15 15.58 -15.33
CA GLY D 62 -4.74 16.89 -15.18
C GLY D 62 -5.96 17.02 -16.03
N SER D 63 -5.90 16.43 -17.21
CA SER D 63 -7.02 16.50 -18.13
C SER D 63 -7.86 15.21 -18.16
N LYS D 64 -7.46 14.22 -17.37
CA LYS D 64 -8.14 12.94 -17.21
C LYS D 64 -8.22 12.13 -18.49
N SER D 65 -7.31 12.36 -19.41
CA SER D 65 -7.25 11.53 -20.63
C SER D 65 -6.01 10.62 -20.66
N PHE D 66 -6.06 9.59 -21.48
CA PHE D 66 -4.96 8.64 -21.62
C PHE D 66 -5.09 7.91 -22.92
N SER D 67 -3.95 7.52 -23.48
CA SER D 67 -3.98 6.84 -24.76
C SER D 67 -2.99 5.71 -24.82
N LEU D 68 -3.31 4.71 -25.62
CA LEU D 68 -2.39 3.63 -25.84
C LEU D 68 -2.06 3.64 -27.31
N ARG D 69 -0.76 3.73 -27.62
CA ARG D 69 -0.24 3.42 -28.96
C ARG D 69 0.37 2.00 -29.02
N ILE D 70 -0.11 1.21 -29.97
CA ILE D 70 0.47 -0.11 -30.24
C ILE D 70 1.29 -0.11 -31.52
N ARG D 71 2.60 -0.26 -31.38
CA ARG D 71 3.51 -0.33 -32.53
C ARG D 71 3.49 -1.66 -33.29
N ASP D 72 3.91 -1.64 -34.54
CA ASP D 72 4.21 -2.83 -35.32
C ASP D 72 3.10 -3.88 -35.37
N LEU D 73 1.91 -3.48 -35.82
CA LEU D 73 0.70 -4.33 -35.77
C LEU D 73 0.80 -5.58 -36.59
N ARG D 74 0.17 -6.62 -36.08
CA ARG D 74 0.16 -7.90 -36.74
C ARG D 74 -1.24 -8.49 -36.70
N VAL D 75 -1.51 -9.47 -37.56
CA VAL D 75 -2.86 -10.02 -37.70
C VAL D 75 -3.46 -10.44 -36.35
N GLU D 76 -2.72 -11.24 -35.58
CA GLU D 76 -3.13 -11.68 -34.24
C GLU D 76 -3.49 -10.54 -33.28
N ASP D 77 -3.04 -9.33 -33.57
CA ASP D 77 -3.48 -8.17 -32.80
C ASP D 77 -4.99 -7.82 -32.97
N SER D 78 -5.62 -8.25 -34.09
CA SER D 78 -7.07 -8.04 -34.35
C SER D 78 -7.97 -8.43 -33.19
N GLY D 79 -8.90 -7.55 -32.83
CA GLY D 79 -9.76 -7.86 -31.69
C GLY D 79 -10.30 -6.65 -30.96
N THR D 80 -10.54 -6.82 -29.65
CA THR D 80 -11.32 -5.88 -28.86
C THR D 80 -10.51 -5.39 -27.70
N TYR D 81 -10.42 -4.06 -27.60
CA TYR D 81 -9.57 -3.34 -26.65
C TYR D 81 -10.44 -2.41 -25.80
N LYS D 82 -10.46 -2.65 -24.48
CA LYS D 82 -11.14 -1.79 -23.56
C LYS D 82 -10.07 -1.15 -22.71
N CYS D 83 -10.20 0.14 -22.43
CA CYS D 83 -9.38 0.85 -21.46
C CYS D 83 -10.12 0.94 -20.12
N GLY D 84 -9.40 1.13 -19.02
CA GLY D 84 -10.02 1.24 -17.70
C GLY D 84 -9.40 2.35 -16.86
N ALA D 85 -10.27 3.17 -16.26
CA ALA D 85 -9.88 4.28 -15.40
C ALA D 85 -10.42 4.05 -13.99
N TYR D 86 -9.57 4.22 -12.98
CA TYR D 86 -10.02 4.11 -11.60
C TYR D 86 -9.68 5.43 -10.94
N PHE D 87 -10.47 5.84 -9.95
CA PHE D 87 -10.35 7.21 -9.44
C PHE D 87 -10.76 7.43 -7.99
N SER D 88 -10.19 8.49 -7.39
CA SER D 88 -10.45 8.94 -6.01
C SER D 88 -11.33 10.20 -5.96
N PRO D 99 -13.66 1.84 -7.28
CA PRO D 99 -14.28 2.80 -8.18
C PRO D 99 -13.50 2.97 -9.49
N GLY D 100 -14.11 2.55 -10.62
CA GLY D 100 -13.46 2.58 -11.93
C GLY D 100 -14.42 2.29 -13.06
N GLU D 101 -14.16 2.84 -14.25
CA GLU D 101 -15.04 2.67 -15.40
C GLU D 101 -14.28 2.19 -16.62
N LYS D 102 -14.94 1.45 -17.49
CA LYS D 102 -14.29 1.00 -18.73
C LYS D 102 -14.89 1.67 -19.98
N GLY D 103 -14.06 2.06 -20.93
CA GLY D 103 -14.52 2.49 -22.25
C GLY D 103 -15.24 1.40 -23.00
N ALA D 104 -16.08 1.78 -23.96
CA ALA D 104 -16.93 0.81 -24.66
C ALA D 104 -16.08 -0.21 -25.39
N GLY D 105 -15.01 0.26 -26.03
CA GLY D 105 -14.12 -0.61 -26.79
C GLY D 105 -13.54 0.02 -28.04
N THR D 106 -12.46 -0.57 -28.53
CA THR D 106 -12.04 -0.46 -29.91
C THR D 106 -12.06 -1.88 -30.51
N VAL D 107 -12.73 -2.06 -31.66
CA VAL D 107 -12.50 -3.30 -32.40
C VAL D 107 -11.57 -3.09 -33.60
N LEU D 108 -10.37 -3.60 -33.41
CA LEU D 108 -9.29 -3.41 -34.31
C LEU D 108 -9.22 -4.61 -35.20
N THR D 109 -8.97 -4.38 -36.47
CA THR D 109 -8.72 -5.48 -37.35
C THR D 109 -7.54 -5.12 -38.24
N VAL D 110 -6.63 -6.07 -38.41
CA VAL D 110 -5.37 -5.85 -39.10
C VAL D 110 -5.39 -6.69 -40.33
N LYS D 111 -5.29 -6.05 -41.50
CA LYS D 111 -5.18 -6.74 -42.79
C LYS D 111 -3.76 -7.32 -42.87
N ALA D 112 -3.58 -8.40 -43.63
CA ALA D 112 -2.24 -8.89 -43.93
C ALA D 112 -1.72 -8.24 -45.20
N ALA D 113 -0.62 -8.80 -45.72
CA ALA D 113 0.06 -8.41 -46.99
C ALA D 113 -0.89 -8.05 -48.15
#